data_4BB6
#
_entry.id   4BB6
#
_cell.length_a   108.651
_cell.length_b   108.651
_cell.length_c   135.771
_cell.angle_alpha   90.00
_cell.angle_beta   90.00
_cell.angle_gamma   120.00
#
_symmetry.space_group_name_H-M   'P 31 2 1'
#
loop_
_entity.id
_entity.type
_entity.pdbx_description
1 polymer 'CORTICOSTEROID 11-BETA-DEHYDROGENASE ISOZYME 1'
2 non-polymer 'NADP NICOTINAMIDE-ADENINE-DINUCLEOTIDE PHOSPHATE'
3 non-polymer 6-(4-methylpiperazin-1-yl)-N-[(1R,3S)-5-oxidanyl-2-adamantyl]-2-propylsulfanyl-pyridine-3-carboxamide
4 non-polymer 'CHLORIDE ION'
5 water water
#
_entity_poly.entity_id   1
_entity_poly.type   'polypeptide(L)'
_entity_poly.pdbx_seq_one_letter_code
;MAFMKKYLLPILGLFMAYYYYSANEEFRPEMLQGKKVIVTGASKGIGREMAYHLAKMGAHVVVTARSKETLQKVVSHCLE
LGAASAHYIAGTMEDMTFAEQFVAQAGKLMGGLDMLILNHITNTSLNLFHDDIHHVRKSMEVNFLSYVVLTVAALPMLKQ
SNGSIVVVSSLAGKVAYPLVAAYSASKFALDGFFSSIRKEYSVSRVNVSITLCVLGLIDTETAMKAVSGIVHMQAAPKEE
CALEIIKGGALRQEEVYYDSSRWTTLLIRNPSRKILEELYSTSYNWDRFINK
;
_entity_poly.pdbx_strand_id   A,B
#
loop_
_chem_comp.id
_chem_comp.type
_chem_comp.name
_chem_comp.formula
CL non-polymer 'CHLORIDE ION' 'Cl -1'
HD1 non-polymer 6-(4-methylpiperazin-1-yl)-N-[(1R,3S)-5-oxidanyl-2-adamantyl]-2-propylsulfanyl-pyridine-3-carboxamide 'C24 H36 N4 O2 S'
NAP non-polymer 'NADP NICOTINAMIDE-ADENINE-DINUCLEOTIDE PHOSPHATE' 'C21 H28 N7 O17 P3'
#
# COMPACT_ATOMS: atom_id res chain seq x y z
N GLU A 26 9.88 24.65 -19.82
CA GLU A 26 10.06 24.96 -18.37
C GLU A 26 11.33 24.33 -17.86
N PHE A 27 11.60 23.12 -18.32
CA PHE A 27 12.76 22.36 -17.86
C PHE A 27 14.00 22.69 -18.73
N ARG A 28 15.16 22.76 -18.08
CA ARG A 28 16.42 22.93 -18.78
C ARG A 28 17.37 21.93 -18.19
N PRO A 29 18.11 21.21 -19.05
CA PRO A 29 19.08 20.23 -18.54
C PRO A 29 20.13 20.85 -17.63
N GLU A 30 20.39 22.15 -17.78
CA GLU A 30 21.34 22.88 -16.93
C GLU A 30 20.97 22.78 -15.44
N MET A 31 19.69 22.61 -15.16
CA MET A 31 19.19 22.46 -13.80
C MET A 31 19.88 21.36 -12.97
N LEU A 32 20.39 20.34 -13.65
CA LEU A 32 21.05 19.22 -12.97
C LEU A 32 22.58 19.36 -12.95
N GLN A 33 23.10 20.45 -13.49
CA GLN A 33 24.56 20.63 -13.58
C GLN A 33 25.17 20.82 -12.16
N GLY A 34 26.17 20.02 -11.85
CA GLY A 34 26.79 20.01 -10.52
C GLY A 34 25.92 19.53 -9.36
N LYS A 35 24.75 18.96 -9.66
CA LYS A 35 23.83 18.50 -8.59
C LYS A 35 24.27 17.13 -8.06
N LYS A 36 23.79 16.80 -6.86
CA LYS A 36 24.26 15.61 -6.14
C LYS A 36 23.14 14.58 -6.06
N VAL A 37 23.32 13.46 -6.76
CA VAL A 37 22.20 12.58 -7.01
C VAL A 37 22.54 11.12 -6.76
N ILE A 38 21.66 10.47 -6.01
CA ILE A 38 21.69 9.01 -5.81
C ILE A 38 20.69 8.35 -6.75
N VAL A 39 21.10 7.27 -7.38
CA VAL A 39 20.14 6.46 -8.14
C VAL A 39 20.25 5.03 -7.63
N THR A 40 19.17 4.47 -7.10
CA THR A 40 19.19 3.04 -6.78
C THR A 40 18.65 2.21 -7.97
N GLY A 41 18.94 0.92 -7.98
CA GLY A 41 18.59 0.09 -9.11
C GLY A 41 19.26 0.55 -10.41
N ALA A 42 20.51 1.02 -10.32
CA ALA A 42 21.13 1.64 -11.50
C ALA A 42 22.09 0.75 -12.31
N SER A 43 22.06 -0.55 -12.06
CA SER A 43 22.92 -1.46 -12.84
C SER A 43 22.32 -1.77 -14.22
N LYS A 44 21.00 -1.70 -14.31
CA LYS A 44 20.31 -1.99 -15.56
C LYS A 44 19.01 -1.19 -15.64
N GLY A 45 18.20 -1.46 -16.67
CA GLY A 45 16.89 -0.84 -16.89
C GLY A 45 16.82 0.68 -16.81
N ILE A 46 15.66 1.18 -16.40
CA ILE A 46 15.44 2.62 -16.23
C ILE A 46 16.51 3.31 -15.32
N GLY A 47 16.94 2.60 -14.29
CA GLY A 47 18.02 3.11 -13.44
C GLY A 47 19.32 3.42 -14.18
N ARG A 48 19.79 2.47 -14.97
CA ARG A 48 20.96 2.72 -15.75
C ARG A 48 20.74 3.93 -16.66
N GLU A 49 19.54 4.02 -17.25
CA GLU A 49 19.24 5.16 -18.16
C GLU A 49 19.23 6.50 -17.44
N MET A 50 18.69 6.51 -16.22
CA MET A 50 18.63 7.75 -15.47
C MET A 50 20.06 8.22 -15.12
N ALA A 51 20.90 7.27 -14.72
CA ALA A 51 22.34 7.55 -14.47
C ALA A 51 22.99 8.19 -15.68
N TYR A 52 22.76 7.61 -16.86
CA TYR A 52 23.30 8.14 -18.10
C TYR A 52 22.78 9.54 -18.49
N HIS A 53 21.48 9.77 -18.38
CA HIS A 53 20.95 11.11 -18.64
C HIS A 53 21.56 12.15 -17.68
N LEU A 54 21.69 11.78 -16.41
CA LEU A 54 22.23 12.71 -15.41
C LEU A 54 23.72 13.05 -15.66
N ALA A 55 24.51 12.03 -16.02
CA ALA A 55 25.90 12.23 -16.47
C ALA A 55 25.99 13.24 -17.63
N LYS A 56 25.16 13.06 -18.66
CA LYS A 56 25.04 13.98 -19.81
C LYS A 56 24.79 15.45 -19.40
N MET A 57 24.17 15.67 -18.24
CA MET A 57 23.86 17.01 -17.70
C MET A 57 24.90 17.47 -16.65
N GLY A 58 25.96 16.69 -16.49
CA GLY A 58 27.07 17.08 -15.62
C GLY A 58 26.79 16.98 -14.15
N ALA A 59 25.95 16.02 -13.76
CA ALA A 59 25.63 15.82 -12.34
C ALA A 59 26.77 15.06 -11.70
N HIS A 60 26.77 15.07 -10.37
CA HIS A 60 27.52 14.08 -9.60
C HIS A 60 26.50 12.98 -9.38
N VAL A 61 26.93 11.74 -9.44
CA VAL A 61 26.00 10.61 -9.32
C VAL A 61 26.62 9.46 -8.56
N VAL A 62 25.91 8.91 -7.57
CA VAL A 62 26.34 7.66 -6.92
C VAL A 62 25.27 6.63 -7.22
N VAL A 63 25.66 5.54 -7.87
CA VAL A 63 24.71 4.52 -8.31
C VAL A 63 24.87 3.30 -7.42
N THR A 64 23.81 2.50 -7.32
CA THR A 64 23.84 1.29 -6.49
C THR A 64 22.96 0.13 -7.03
N ALA A 65 23.25 -1.06 -6.55
CA ALA A 65 22.73 -2.33 -7.08
C ALA A 65 23.59 -3.41 -6.44
N ARG A 66 23.30 -4.69 -6.67
CA ARG A 66 24.12 -5.79 -6.12
C ARG A 66 25.34 -6.19 -6.97
N SER A 67 25.23 -6.15 -8.30
CA SER A 67 26.39 -6.46 -9.15
C SER A 67 27.40 -5.30 -9.21
N LYS A 68 28.55 -5.49 -8.56
CA LYS A 68 29.63 -4.48 -8.62
C LYS A 68 30.23 -4.44 -10.02
N GLU A 69 30.25 -5.59 -10.66
CA GLU A 69 30.88 -5.72 -11.97
C GLU A 69 30.09 -4.90 -13.00
N THR A 70 28.76 -4.97 -12.97
CA THR A 70 27.94 -4.16 -13.90
C THR A 70 27.99 -2.69 -13.55
N LEU A 71 27.99 -2.41 -12.25
CA LEU A 71 28.00 -1.04 -11.79
C LEU A 71 29.24 -0.32 -12.27
N GLN A 72 30.37 -1.05 -12.29
CA GLN A 72 31.63 -0.51 -12.81
C GLN A 72 31.51 0.00 -14.26
N LYS A 73 30.83 -0.77 -15.10
CA LYS A 73 30.61 -0.38 -16.51
C LYS A 73 29.74 0.87 -16.58
N VAL A 74 28.67 0.89 -15.80
CA VAL A 74 27.80 2.07 -15.77
C VAL A 74 28.58 3.33 -15.38
N VAL A 75 29.41 3.21 -14.33
CA VAL A 75 30.16 4.31 -13.77
C VAL A 75 31.15 4.86 -14.81
N SER A 76 31.64 3.98 -15.67
CA SER A 76 32.58 4.37 -16.71
C SER A 76 31.95 5.17 -17.83
N HIS A 77 30.82 4.69 -18.36
CA HIS A 77 30.11 5.44 -19.40
C HIS A 77 29.54 6.76 -18.87
N CYS A 78 29.29 6.84 -17.56
CA CYS A 78 28.95 8.12 -16.94
C CYS A 78 30.08 9.14 -17.06
N LEU A 79 31.24 8.77 -16.52
CA LEU A 79 32.40 9.61 -16.65
C LEU A 79 32.54 9.99 -18.12
N GLU A 80 32.44 9.02 -19.00
CA GLU A 80 32.60 9.28 -20.43
C GLU A 80 31.60 10.31 -20.95
N LEU A 81 30.37 10.25 -20.42
CA LEU A 81 29.28 11.10 -20.89
C LEU A 81 29.39 12.57 -20.44
N GLY A 82 30.14 12.82 -19.37
CA GLY A 82 30.38 14.17 -18.86
C GLY A 82 29.92 14.44 -17.42
N ALA A 83 29.70 13.38 -16.64
CA ALA A 83 29.35 13.50 -15.22
C ALA A 83 30.37 14.36 -14.47
N ALA A 84 29.92 15.26 -13.60
CA ALA A 84 30.85 16.01 -12.73
C ALA A 84 31.65 15.01 -11.89
N SER A 85 31.05 13.89 -11.51
CA SER A 85 31.80 12.73 -11.02
C SER A 85 30.85 11.55 -11.07
N ALA A 86 31.36 10.35 -10.79
CA ALA A 86 30.55 9.13 -10.80
C ALA A 86 31.17 8.00 -10.00
N HIS A 87 30.44 7.45 -9.02
CA HIS A 87 30.92 6.34 -8.18
C HIS A 87 29.86 5.26 -8.00
N TYR A 88 30.24 4.08 -7.50
CA TYR A 88 29.26 3.08 -7.08
C TYR A 88 29.53 2.51 -5.72
N ILE A 89 28.46 2.00 -5.10
CA ILE A 89 28.53 1.19 -3.88
C ILE A 89 27.56 0.00 -4.06
N ALA A 90 28.07 -1.22 -3.96
CA ALA A 90 27.28 -2.42 -4.23
C ALA A 90 26.73 -3.06 -2.95
N GLY A 91 25.51 -3.63 -3.04
CA GLY A 91 24.81 -4.20 -1.86
C GLY A 91 23.34 -4.57 -2.08
N THR A 92 22.77 -5.34 -1.15
CA THR A 92 21.39 -5.77 -1.26
C THR A 92 20.55 -4.90 -0.35
N MET A 93 19.43 -4.43 -0.89
CA MET A 93 18.50 -3.60 -0.14
C MET A 93 17.51 -4.46 0.65
N GLU A 94 17.79 -5.76 0.78
CA GLU A 94 17.18 -6.58 1.85
C GLU A 94 17.83 -6.25 3.20
N ASP A 95 18.99 -5.60 3.13
CA ASP A 95 19.78 -5.25 4.30
C ASP A 95 19.58 -3.76 4.62
N MET A 96 18.71 -3.53 5.60
CA MET A 96 18.41 -2.20 6.07
C MET A 96 19.66 -1.49 6.60
N THR A 97 20.58 -2.21 7.22
CA THR A 97 21.80 -1.59 7.70
C THR A 97 22.56 -1.08 6.49
N PHE A 98 22.64 -1.90 5.44
CA PHE A 98 23.29 -1.46 4.25
C PHE A 98 22.61 -0.25 3.65
N ALA A 99 21.28 -0.20 3.70
CA ALA A 99 20.54 0.94 3.18
C ALA A 99 21.05 2.23 3.83
N GLU A 100 20.96 2.28 5.17
CA GLU A 100 21.45 3.41 6.00
C GLU A 100 22.90 3.83 5.66
N GLN A 101 23.82 2.87 5.80
CA GLN A 101 25.23 3.13 5.52
C GLN A 101 25.45 3.63 4.11
N PHE A 102 24.72 3.06 3.14
CA PHE A 102 24.90 3.49 1.76
C PHE A 102 24.67 5.00 1.59
N VAL A 103 23.61 5.52 2.19
CA VAL A 103 23.29 6.95 2.04
C VAL A 103 24.41 7.81 2.66
N ALA A 104 24.85 7.45 3.86
CA ALA A 104 25.95 8.17 4.51
C ALA A 104 27.23 8.17 3.63
N GLN A 105 27.65 6.97 3.21
CA GLN A 105 28.80 6.80 2.31
C GLN A 105 28.68 7.61 1.02
N ALA A 106 27.48 7.63 0.44
CA ALA A 106 27.20 8.39 -0.79
C ALA A 106 27.24 9.90 -0.56
N GLY A 107 26.76 10.33 0.61
CA GLY A 107 26.79 11.73 0.98
C GLY A 107 28.21 12.22 1.18
N LYS A 108 29.00 11.43 1.89
CA LYS A 108 30.41 11.76 2.07
C LYS A 108 31.08 11.91 0.70
N LEU A 109 30.81 10.98 -0.22
CA LEU A 109 31.44 10.99 -1.55
C LEU A 109 31.12 12.23 -2.39
N MET A 110 29.94 12.82 -2.20
CA MET A 110 29.54 13.99 -2.99
C MET A 110 29.57 15.29 -2.20
N GLY A 111 29.82 15.20 -0.90
CA GLY A 111 29.71 16.35 -0.03
C GLY A 111 28.28 16.89 0.04
N GLY A 112 27.30 15.98 0.06
CA GLY A 112 25.90 16.40 0.13
C GLY A 112 25.02 15.61 -0.80
N LEU A 113 23.79 16.10 -0.99
CA LEU A 113 22.74 15.37 -1.70
C LEU A 113 21.61 16.32 -2.02
N ASP A 114 21.30 16.44 -3.32
CA ASP A 114 20.19 17.27 -3.77
C ASP A 114 18.99 16.46 -4.21
N MET A 115 19.20 15.20 -4.61
CA MET A 115 18.12 14.34 -5.13
C MET A 115 18.33 12.84 -4.84
N LEU A 116 17.25 12.16 -4.47
CA LEU A 116 17.27 10.74 -4.14
C LEU A 116 16.26 10.01 -5.03
N ILE A 117 16.77 9.12 -5.87
CA ILE A 117 15.93 8.45 -6.84
C ILE A 117 15.84 7.03 -6.36
N LEU A 118 14.69 6.68 -5.78
CA LEU A 118 14.42 5.32 -5.30
C LEU A 118 13.70 4.55 -6.42
N ASN A 119 14.36 3.50 -6.93
CA ASN A 119 14.03 2.86 -8.22
C ASN A 119 14.12 1.33 -8.24
N HIS A 120 14.89 0.74 -7.34
CA HIS A 120 15.11 -0.68 -7.34
C HIS A 120 13.90 -1.50 -6.89
N ILE A 121 13.90 -2.78 -7.26
CA ILE A 121 12.92 -3.77 -6.76
C ILE A 121 13.53 -5.15 -6.63
N THR A 122 12.89 -6.03 -5.87
CA THR A 122 13.26 -7.46 -5.91
C THR A 122 12.74 -8.07 -7.22
N ASN A 123 13.49 -9.01 -7.73
CA ASN A 123 13.12 -9.68 -8.97
C ASN A 123 11.78 -10.40 -8.86
N THR A 124 10.93 -10.22 -9.86
CA THR A 124 9.61 -10.80 -9.81
C THR A 124 9.28 -11.37 -11.15
N SER A 125 8.22 -12.14 -11.20
CA SER A 125 7.73 -12.60 -12.48
C SER A 125 6.25 -12.84 -12.36
N LEU A 126 5.59 -12.90 -13.50
CA LEU A 126 4.13 -13.00 -13.53
C LEU A 126 3.72 -14.42 -13.13
N ASN A 127 2.98 -14.52 -12.02
CA ASN A 127 2.39 -15.76 -11.57
C ASN A 127 1.14 -15.49 -10.78
N LEU A 128 0.18 -16.38 -10.86
CA LEU A 128 -0.93 -16.39 -9.93
C LEU A 128 -0.34 -16.53 -8.55
N PHE A 129 -1.03 -16.03 -7.55
CA PHE A 129 -0.54 -16.12 -6.19
C PHE A 129 -1.05 -17.42 -5.54
N HIS A 130 -0.17 -18.26 -4.97
CA HIS A 130 -0.69 -19.41 -4.21
C HIS A 130 -0.47 -19.30 -2.69
N ASP A 131 0.78 -19.44 -2.30
CA ASP A 131 1.14 -19.49 -0.89
C ASP A 131 2.41 -18.76 -0.62
N ASP A 132 2.95 -17.97 -1.56
CA ASP A 132 4.32 -17.54 -1.36
C ASP A 132 4.44 -16.31 -0.47
N ILE A 133 4.26 -16.54 0.84
CA ILE A 133 4.44 -15.52 1.86
C ILE A 133 5.88 -15.08 1.87
N HIS A 134 6.80 -15.93 1.47
CA HIS A 134 8.17 -15.47 1.38
C HIS A 134 8.29 -14.32 0.40
N HIS A 135 7.62 -14.47 -0.75
CA HIS A 135 7.77 -13.50 -1.79
C HIS A 135 7.02 -12.19 -1.44
N VAL A 136 5.84 -12.29 -0.83
CA VAL A 136 5.13 -11.09 -0.41
C VAL A 136 6.00 -10.29 0.56
N ARG A 137 6.59 -10.97 1.53
CA ARG A 137 7.43 -10.32 2.52
C ARG A 137 8.73 -9.74 1.96
N LYS A 138 9.41 -10.48 1.11
CA LYS A 138 10.61 -9.95 0.48
C LYS A 138 10.30 -8.72 -0.40
N SER A 139 9.16 -8.78 -1.10
CA SER A 139 8.67 -7.65 -1.90
C SER A 139 8.42 -6.44 -1.02
N MET A 140 7.69 -6.64 0.06
CA MET A 140 7.44 -5.51 0.96
C MET A 140 8.73 -4.91 1.55
N GLU A 141 9.75 -5.75 1.77
CA GLU A 141 11.02 -5.29 2.37
C GLU A 141 11.87 -4.47 1.39
N VAL A 142 12.15 -5.04 0.23
CA VAL A 142 13.02 -4.42 -0.74
C VAL A 142 12.31 -3.25 -1.43
N ASN A 143 11.06 -3.48 -1.82
CA ASN A 143 10.35 -2.51 -2.65
C ASN A 143 9.77 -1.31 -1.89
N PHE A 144 9.44 -1.54 -0.63
CA PHE A 144 8.78 -0.54 0.22
C PHE A 144 9.62 -0.13 1.40
N LEU A 145 9.87 -1.06 2.31
CA LEU A 145 10.52 -0.68 3.56
C LEU A 145 11.86 0.00 3.34
N SER A 146 12.63 -0.43 2.34
CA SER A 146 13.97 0.09 2.11
C SER A 146 13.91 1.50 1.52
N TYR A 147 12.81 1.82 0.83
CA TYR A 147 12.61 3.18 0.33
C TYR A 147 12.46 4.12 1.53
N VAL A 148 11.78 3.66 2.56
CA VAL A 148 11.60 4.48 3.80
C VAL A 148 12.90 4.67 4.58
N VAL A 149 13.59 3.55 4.85
CA VAL A 149 14.90 3.59 5.49
C VAL A 149 15.87 4.43 4.66
N LEU A 150 15.77 4.40 3.34
CA LEU A 150 16.65 5.25 2.54
C LEU A 150 16.31 6.73 2.78
N THR A 151 15.01 7.03 2.86
CA THR A 151 14.54 8.42 2.98
C THR A 151 14.97 8.98 4.32
N VAL A 152 14.73 8.21 5.39
CA VAL A 152 15.14 8.68 6.71
C VAL A 152 16.65 9.01 6.74
N ALA A 153 17.50 8.17 6.15
CA ALA A 153 18.95 8.45 6.16
C ALA A 153 19.25 9.74 5.40
N ALA A 154 18.49 10.01 4.36
CA ALA A 154 18.78 11.06 3.38
C ALA A 154 18.28 12.44 3.79
N LEU A 155 17.28 12.47 4.66
CA LEU A 155 16.50 13.70 4.89
C LEU A 155 17.31 14.90 5.44
N PRO A 156 18.22 14.66 6.39
CA PRO A 156 19.02 15.80 6.84
C PRO A 156 19.73 16.48 5.67
N MET A 157 20.42 15.68 4.87
CA MET A 157 21.07 16.23 3.71
C MET A 157 20.10 16.92 2.78
N LEU A 158 18.93 16.34 2.54
CA LEU A 158 17.96 16.94 1.61
C LEU A 158 17.33 18.25 2.18
N LYS A 159 17.09 18.28 3.50
CA LYS A 159 16.51 19.49 4.12
C LYS A 159 17.48 20.67 3.98
N GLN A 160 18.78 20.41 4.13
CA GLN A 160 19.75 21.50 4.00
C GLN A 160 19.90 22.00 2.56
N SER A 161 19.69 21.14 1.57
CA SER A 161 19.78 21.53 0.14
C SER A 161 18.43 21.83 -0.54
N ASN A 162 17.34 21.88 0.23
CA ASN A 162 15.97 21.91 -0.31
C ASN A 162 15.76 20.88 -1.41
N GLY A 163 16.26 19.67 -1.15
CA GLY A 163 16.31 18.59 -2.14
C GLY A 163 14.96 18.00 -2.56
N SER A 164 15.02 16.82 -3.18
CA SER A 164 13.88 16.13 -3.79
C SER A 164 14.03 14.61 -3.71
N ILE A 165 12.90 13.94 -3.52
CA ILE A 165 12.83 12.48 -3.45
C ILE A 165 11.96 12.04 -4.62
N VAL A 166 12.45 11.11 -5.44
CA VAL A 166 11.66 10.58 -6.56
C VAL A 166 11.45 9.12 -6.30
N VAL A 167 10.19 8.67 -6.33
CA VAL A 167 9.84 7.29 -5.98
C VAL A 167 9.27 6.66 -7.23
N VAL A 168 9.93 5.62 -7.75
CA VAL A 168 9.48 5.03 -9.03
C VAL A 168 8.47 3.94 -8.75
N SER A 169 7.35 4.03 -9.44
CA SER A 169 6.19 3.16 -9.20
C SER A 169 5.55 2.73 -10.51
N SER A 170 4.31 2.24 -10.45
CA SER A 170 3.71 1.56 -11.59
C SER A 170 2.19 1.85 -11.72
N LEU A 171 1.65 1.71 -12.92
CA LEU A 171 0.21 1.60 -13.12
C LEU A 171 -0.36 0.64 -12.08
N ALA A 172 0.37 -0.45 -11.86
CA ALA A 172 -0.03 -1.54 -10.98
C ALA A 172 0.09 -1.13 -9.52
N GLY A 173 0.70 0.02 -9.24
CA GLY A 173 0.59 0.65 -7.91
C GLY A 173 -0.53 1.68 -7.79
N LYS A 174 -1.43 1.73 -8.79
CA LYS A 174 -2.61 2.60 -8.76
C LYS A 174 -3.93 1.88 -9.10
N VAL A 175 -3.82 0.77 -9.81
CA VAL A 175 -4.96 0.08 -10.33
C VAL A 175 -4.67 -1.44 -10.17
N ALA A 176 -5.67 -2.30 -10.31
CA ALA A 176 -5.51 -3.71 -9.98
C ALA A 176 -5.41 -4.61 -11.23
N TYR A 177 -4.34 -5.40 -11.32
CA TYR A 177 -4.10 -6.37 -12.37
C TYR A 177 -3.71 -7.70 -11.77
N PRO A 178 -4.07 -8.82 -12.42
CA PRO A 178 -3.64 -10.15 -11.94
C PRO A 178 -2.20 -10.42 -12.26
N LEU A 179 -1.64 -11.45 -11.58
CA LEU A 179 -0.29 -12.01 -11.84
C LEU A 179 0.84 -11.20 -11.15
N VAL A 180 0.48 -10.19 -10.36
CA VAL A 180 1.46 -9.35 -9.67
C VAL A 180 1.03 -8.89 -8.26
N ALA A 181 0.28 -9.71 -7.53
CA ALA A 181 -0.22 -9.34 -6.20
C ALA A 181 0.83 -8.74 -5.24
N ALA A 182 1.88 -9.47 -4.94
CA ALA A 182 2.93 -9.00 -4.05
C ALA A 182 3.49 -7.67 -4.47
N TYR A 183 3.80 -7.57 -5.75
CA TYR A 183 4.40 -6.39 -6.36
C TYR A 183 3.44 -5.20 -6.25
N SER A 184 2.17 -5.44 -6.50
CA SER A 184 1.20 -4.36 -6.42
C SER A 184 1.00 -3.90 -5.00
N ALA A 185 0.87 -4.82 -4.04
CA ALA A 185 0.80 -4.41 -2.61
C ALA A 185 1.97 -3.52 -2.28
N SER A 186 3.18 -3.89 -2.71
CA SER A 186 4.33 -3.06 -2.37
C SER A 186 4.25 -1.65 -2.97
N LYS A 187 3.82 -1.56 -4.23
CA LYS A 187 3.70 -0.29 -4.93
C LYS A 187 2.54 0.58 -4.41
N PHE A 188 1.42 -0.03 -4.06
CA PHE A 188 0.34 0.70 -3.40
C PHE A 188 0.82 1.27 -2.04
N ALA A 189 1.56 0.44 -1.31
CA ALA A 189 2.21 0.83 -0.08
C ALA A 189 3.02 2.15 -0.23
N LEU A 190 3.81 2.28 -1.29
CA LEU A 190 4.59 3.50 -1.51
C LEU A 190 3.69 4.76 -1.68
N ASP A 191 2.61 4.63 -2.42
CA ASP A 191 1.68 5.73 -2.64
C ASP A 191 1.14 6.24 -1.28
N GLY A 192 0.64 5.32 -0.49
CA GLY A 192 0.04 5.72 0.75
C GLY A 192 1.06 6.32 1.68
N PHE A 193 2.23 5.72 1.79
CA PHE A 193 3.22 6.23 2.72
C PHE A 193 3.73 7.56 2.26
N PHE A 194 4.24 7.62 1.03
CA PHE A 194 4.86 8.85 0.52
C PHE A 194 3.91 9.98 0.24
N SER A 195 2.67 9.68 -0.16
CA SER A 195 1.69 10.75 -0.34
C SER A 195 1.27 11.35 1.02
N SER A 196 1.27 10.53 2.06
CA SER A 196 0.90 10.98 3.38
C SER A 196 1.98 11.87 3.95
N ILE A 197 3.24 11.44 3.87
CA ILE A 197 4.30 12.27 4.39
C ILE A 197 4.48 13.53 3.55
N ARG A 198 4.05 13.51 2.29
CA ARG A 198 4.05 14.77 1.53
C ARG A 198 3.12 15.81 2.15
N LYS A 199 1.92 15.39 2.60
CA LYS A 199 1.04 16.33 3.31
C LYS A 199 1.71 16.87 4.58
N GLU A 200 2.45 16.01 5.27
CA GLU A 200 3.13 16.39 6.52
C GLU A 200 4.22 17.42 6.25
N TYR A 201 4.93 17.29 5.15
CA TYR A 201 6.03 18.17 4.86
C TYR A 201 5.51 19.55 4.55
N SER A 202 4.35 19.56 3.94
CA SER A 202 3.70 20.77 3.53
C SER A 202 3.24 21.59 4.74
N VAL A 203 2.54 20.95 5.69
CA VAL A 203 2.09 21.66 6.90
C VAL A 203 3.25 21.95 7.87
N SER A 204 4.30 21.15 7.88
CA SER A 204 5.40 21.43 8.81
C SER A 204 6.59 22.10 8.12
N ARG A 205 6.37 22.58 6.91
CA ARG A 205 7.37 23.38 6.20
C ARG A 205 8.75 22.72 6.03
N VAL A 206 8.74 21.44 5.68
CA VAL A 206 9.94 20.79 5.22
C VAL A 206 9.96 20.99 3.71
N ASN A 207 10.92 21.77 3.20
CA ASN A 207 11.00 22.05 1.74
C ASN A 207 11.79 20.98 0.96
N VAL A 208 11.41 19.72 1.15
CA VAL A 208 11.80 18.61 0.29
C VAL A 208 10.59 18.18 -0.56
N SER A 209 10.77 18.02 -1.87
CA SER A 209 9.70 17.57 -2.77
C SER A 209 9.65 16.04 -2.86
N ILE A 210 8.46 15.51 -3.08
CA ILE A 210 8.29 14.09 -3.28
C ILE A 210 7.55 13.90 -4.61
N THR A 211 8.12 13.14 -5.54
CA THR A 211 7.54 12.88 -6.86
C THR A 211 7.28 11.39 -7.03
N LEU A 212 6.02 11.00 -7.18
CA LEU A 212 5.65 9.58 -7.45
C LEU A 212 5.46 9.40 -8.95
N CYS A 213 6.12 8.39 -9.50
CA CYS A 213 6.14 8.12 -10.95
C CYS A 213 5.31 6.88 -11.29
N VAL A 214 4.30 7.00 -12.13
CA VAL A 214 3.39 5.93 -12.43
C VAL A 214 3.66 5.56 -13.87
N LEU A 215 4.35 4.44 -14.05
CA LEU A 215 4.75 4.00 -15.38
C LEU A 215 3.96 2.79 -15.85
N GLY A 216 3.72 2.72 -17.15
CA GLY A 216 3.24 1.51 -17.81
C GLY A 216 4.41 0.65 -18.25
N LEU A 217 4.10 -0.37 -19.03
CA LEU A 217 5.13 -1.22 -19.54
C LEU A 217 6.26 -0.37 -20.14
N ILE A 218 7.48 -0.54 -19.62
CA ILE A 218 8.66 0.11 -20.20
C ILE A 218 9.53 -0.98 -20.81
N ASP A 219 10.19 -0.69 -21.93
CA ASP A 219 10.95 -1.72 -22.66
C ASP A 219 12.32 -2.15 -22.09
N THR A 220 12.46 -2.23 -20.78
CA THR A 220 13.68 -2.76 -20.19
C THR A 220 13.74 -4.26 -20.54
N GLU A 221 14.93 -4.84 -20.38
CA GLU A 221 15.18 -6.24 -20.80
C GLU A 221 14.47 -7.26 -19.90
N THR A 222 14.51 -7.02 -18.59
CA THR A 222 13.76 -7.74 -17.56
C THR A 222 12.26 -7.75 -17.85
N ALA A 223 11.71 -6.57 -18.17
CA ALA A 223 10.29 -6.46 -18.41
C ALA A 223 9.93 -7.23 -19.64
N MET A 224 10.69 -7.03 -20.71
CA MET A 224 10.41 -7.75 -21.95
C MET A 224 10.57 -9.26 -21.81
N LYS A 225 11.48 -9.73 -20.94
CA LYS A 225 11.58 -11.16 -20.74
C LYS A 225 10.37 -11.65 -19.96
N ALA A 226 10.01 -10.91 -18.92
CA ALA A 226 8.94 -11.32 -18.01
C ALA A 226 7.59 -11.42 -18.73
N VAL A 227 7.46 -10.70 -19.82
CA VAL A 227 6.19 -10.49 -20.48
C VAL A 227 6.06 -11.28 -21.78
N SER A 228 7.17 -11.66 -22.40
CA SER A 228 7.14 -12.35 -23.73
C SER A 228 6.26 -13.60 -23.85
N GLY A 229 5.91 -14.20 -22.72
CA GLY A 229 4.88 -15.23 -22.71
C GLY A 229 3.48 -14.71 -23.00
N ILE A 230 3.05 -13.68 -22.26
CA ILE A 230 1.62 -13.24 -22.24
C ILE A 230 1.45 -11.74 -22.57
N VAL A 231 0.21 -11.30 -22.81
CA VAL A 231 -0.05 -10.03 -23.52
C VAL A 231 1.05 -9.00 -23.26
N HIS A 232 1.90 -8.84 -24.26
CA HIS A 232 2.58 -7.58 -24.48
C HIS A 232 1.54 -6.63 -25.12
N MET A 233 1.65 -5.36 -24.75
CA MET A 233 1.20 -4.27 -25.59
C MET A 233 2.38 -3.36 -25.69
N GLN A 234 2.52 -2.66 -26.82
CA GLN A 234 3.38 -1.50 -26.91
C GLN A 234 4.04 -1.19 -25.55
N ALA A 235 5.27 -1.64 -25.34
CA ALA A 235 6.07 -1.14 -24.25
C ALA A 235 6.52 0.26 -24.67
N ALA A 236 6.73 1.15 -23.70
CA ALA A 236 7.22 2.49 -24.01
C ALA A 236 8.75 2.47 -23.89
N PRO A 237 9.45 3.39 -24.59
CA PRO A 237 10.94 3.51 -24.55
C PRO A 237 11.51 3.97 -23.21
N LYS A 238 12.44 3.18 -22.69
CA LYS A 238 13.13 3.49 -21.47
C LYS A 238 13.96 4.80 -21.47
N GLU A 239 14.42 5.25 -22.60
CA GLU A 239 15.28 6.44 -22.59
C GLU A 239 14.41 7.67 -22.23
N GLU A 240 13.33 7.85 -22.97
CA GLU A 240 12.42 8.97 -22.72
C GLU A 240 11.80 8.83 -21.34
N CYS A 241 11.49 7.61 -20.91
CA CYS A 241 10.99 7.36 -19.56
C CYS A 241 11.93 7.92 -18.48
N ALA A 242 13.18 7.48 -18.50
CA ALA A 242 14.22 8.00 -17.61
C ALA A 242 14.23 9.52 -17.56
N LEU A 243 14.17 10.17 -18.72
CA LEU A 243 14.26 11.64 -18.77
C LEU A 243 12.98 12.27 -18.22
N GLU A 244 11.82 11.68 -18.50
CA GLU A 244 10.57 12.16 -17.90
C GLU A 244 10.64 12.04 -16.39
N ILE A 245 11.18 10.96 -15.87
CA ILE A 245 11.28 10.86 -14.42
C ILE A 245 12.15 12.01 -13.90
N ILE A 246 13.32 12.20 -14.51
CA ILE A 246 14.23 13.25 -14.08
C ILE A 246 13.58 14.65 -14.18
N LYS A 247 12.85 14.93 -15.28
CA LYS A 247 12.11 16.21 -15.43
C LYS A 247 11.12 16.40 -14.26
N GLY A 248 10.37 15.36 -13.93
CA GLY A 248 9.38 15.47 -12.86
C GLY A 248 10.04 15.96 -11.58
N GLY A 249 11.08 15.24 -11.15
CA GLY A 249 11.78 15.53 -9.91
C GLY A 249 12.37 16.93 -9.86
N ALA A 250 13.04 17.32 -10.95
CA ALA A 250 13.58 18.66 -11.10
C ALA A 250 12.45 19.68 -10.95
N LEU A 251 11.36 19.54 -11.70
CA LEU A 251 10.24 20.48 -11.57
C LEU A 251 9.40 20.33 -10.28
N ARG A 252 9.72 19.37 -9.43
CA ARG A 252 9.02 19.17 -8.15
C ARG A 252 7.53 18.84 -8.33
N GLN A 253 7.19 18.14 -9.41
CA GLN A 253 5.82 17.66 -9.61
C GLN A 253 5.49 16.57 -8.60
N GLU A 254 4.22 16.47 -8.25
CA GLU A 254 3.78 15.45 -7.31
C GLU A 254 3.79 14.12 -7.98
N GLU A 255 3.30 14.07 -9.21
CA GLU A 255 3.21 12.81 -9.97
C GLU A 255 3.69 12.95 -11.39
N VAL A 256 4.34 11.89 -11.90
CA VAL A 256 4.71 11.76 -13.31
C VAL A 256 3.98 10.57 -13.87
N TYR A 257 3.42 10.70 -15.05
CA TYR A 257 2.77 9.58 -15.73
C TYR A 257 3.54 9.32 -17.00
N TYR A 258 3.65 8.05 -17.38
CA TYR A 258 4.33 7.68 -18.63
C TYR A 258 3.90 6.30 -19.10
N ASP A 259 3.30 6.27 -20.29
CA ASP A 259 2.75 5.04 -20.87
C ASP A 259 2.66 5.27 -22.37
N SER A 260 2.68 4.21 -23.17
CA SER A 260 2.70 4.38 -24.60
C SER A 260 1.34 4.77 -25.16
N SER A 261 0.28 4.62 -24.36
CA SER A 261 -1.08 4.92 -24.84
C SER A 261 -1.63 6.17 -24.19
N ARG A 262 -2.29 7.01 -24.96
CA ARG A 262 -2.80 8.25 -24.39
C ARG A 262 -4.14 8.09 -23.66
N TRP A 263 -4.91 7.06 -24.01
CA TRP A 263 -6.07 6.69 -23.20
C TRP A 263 -5.61 6.41 -21.76
N THR A 264 -4.63 5.52 -21.62
CA THR A 264 -4.14 5.11 -20.32
C THR A 264 -3.65 6.37 -19.57
N THR A 265 -2.95 7.26 -20.25
CA THR A 265 -2.48 8.47 -19.60
C THR A 265 -3.65 9.23 -19.01
N LEU A 266 -4.58 9.67 -19.84
CA LEU A 266 -5.82 10.27 -19.37
C LEU A 266 -6.50 9.60 -18.14
N LEU A 267 -6.53 8.28 -18.07
CA LEU A 267 -7.39 7.62 -17.08
C LEU A 267 -6.65 7.39 -15.76
N ILE A 268 -5.40 7.81 -15.66
CA ILE A 268 -4.63 7.47 -14.46
C ILE A 268 -4.83 8.49 -13.36
N ARG A 269 -4.96 9.74 -13.73
CA ARG A 269 -5.29 10.81 -12.82
C ARG A 269 -6.48 10.37 -11.94
N ASN A 270 -6.47 10.73 -10.67
CA ASN A 270 -7.64 10.47 -9.81
C ASN A 270 -8.14 11.82 -9.32
N PRO A 271 -8.96 12.47 -10.15
CA PRO A 271 -9.31 13.84 -9.81
C PRO A 271 -10.04 13.92 -8.47
N SER A 272 -10.92 12.97 -8.21
CA SER A 272 -11.74 13.09 -7.04
C SER A 272 -10.98 12.77 -5.74
N ARG A 273 -9.94 11.94 -5.83
CA ARG A 273 -9.01 11.80 -4.73
C ARG A 273 -8.45 13.17 -4.38
N LYS A 274 -7.93 13.89 -5.39
CA LYS A 274 -7.47 15.26 -5.14
C LYS A 274 -8.50 16.13 -4.50
N ILE A 275 -9.74 16.07 -4.94
CA ILE A 275 -10.79 16.91 -4.30
C ILE A 275 -10.96 16.53 -2.82
N LEU A 276 -11.07 15.24 -2.54
CA LEU A 276 -11.18 14.80 -1.15
C LEU A 276 -9.99 15.30 -0.30
N GLU A 277 -8.76 15.04 -0.72
CA GLU A 277 -7.55 15.45 0.04
C GLU A 277 -7.56 16.97 0.30
N GLU A 278 -7.99 17.71 -0.70
CA GLU A 278 -8.04 19.16 -0.60
C GLU A 278 -9.13 19.68 0.37
N LEU A 279 -10.34 19.13 0.30
CA LEU A 279 -11.39 19.52 1.24
C LEU A 279 -10.92 19.31 2.70
N TYR A 280 -10.21 18.24 2.95
CA TYR A 280 -9.61 18.02 4.26
C TYR A 280 -8.60 19.13 4.64
N SER A 281 -7.69 19.42 3.72
CA SER A 281 -6.59 20.33 3.96
C SER A 281 -7.06 21.79 4.18
N THR A 282 -8.05 22.20 3.39
CA THR A 282 -8.76 23.49 3.56
C THR A 282 -9.40 23.63 4.95
N SER A 283 -9.88 22.52 5.50
CA SER A 283 -10.63 22.52 6.76
C SER A 283 -9.79 22.37 8.02
N TYR A 284 -8.58 21.82 7.92
CA TYR A 284 -7.87 21.38 9.11
C TYR A 284 -6.38 21.75 9.21
N ASN A 285 -5.70 22.05 8.09
CA ASN A 285 -4.28 22.43 8.18
C ASN A 285 -4.07 23.61 9.18
N TRP A 286 -3.03 23.53 10.04
CA TRP A 286 -2.69 24.61 10.98
C TRP A 286 -2.79 25.97 10.32
N ASP A 287 -2.42 26.00 9.04
CA ASP A 287 -2.39 27.21 8.20
C ASP A 287 -3.60 27.38 7.23
N ARG A 288 -4.79 26.93 7.66
CA ARG A 288 -6.09 27.16 6.96
C ARG A 288 -6.20 28.57 6.34
N PHE A 289 -6.36 29.61 7.18
CA PHE A 289 -6.12 31.00 6.73
C PHE A 289 -4.59 31.15 6.64
N ILE A 290 -4.07 32.29 6.20
CA ILE A 290 -2.59 32.46 6.05
C ILE A 290 -2.07 32.03 4.69
N ASN A 291 -1.52 33.00 3.94
CA ASN A 291 -0.85 32.72 2.66
C ASN A 291 0.38 33.64 2.49
N GLU B 26 -32.80 -6.59 -0.87
CA GLU B 26 -31.85 -7.61 -1.38
C GLU B 26 -31.31 -8.44 -0.19
N PHE B 27 -30.72 -7.75 0.78
CA PHE B 27 -30.15 -8.44 1.94
C PHE B 27 -31.22 -8.89 2.95
N ARG B 28 -31.07 -10.11 3.46
CA ARG B 28 -31.97 -10.65 4.49
C ARG B 28 -31.13 -11.23 5.62
N PRO B 29 -31.49 -10.93 6.89
CA PRO B 29 -30.80 -11.52 8.03
C PRO B 29 -30.65 -13.03 7.96
N GLU B 30 -31.62 -13.71 7.37
CA GLU B 30 -31.63 -15.19 7.32
C GLU B 30 -30.46 -15.77 6.54
N MET B 31 -29.87 -14.96 5.66
CA MET B 31 -28.68 -15.37 4.89
C MET B 31 -27.50 -15.82 5.77
N LEU B 32 -27.37 -15.25 6.96
CA LEU B 32 -26.26 -15.59 7.85
C LEU B 32 -26.60 -16.74 8.83
N GLN B 33 -27.87 -17.11 8.92
CA GLN B 33 -28.33 -18.15 9.83
C GLN B 33 -27.52 -19.46 9.70
N GLY B 34 -26.90 -19.90 10.79
CA GLY B 34 -26.09 -21.12 10.77
C GLY B 34 -24.88 -21.12 9.85
N LYS B 35 -24.37 -19.93 9.51
CA LYS B 35 -23.15 -19.79 8.69
C LYS B 35 -21.90 -19.72 9.58
N LYS B 36 -20.77 -20.10 8.99
CA LYS B 36 -19.51 -20.27 9.73
C LYS B 36 -18.58 -19.08 9.46
N VAL B 37 -18.41 -18.23 10.47
CA VAL B 37 -17.78 -16.93 10.29
C VAL B 37 -16.67 -16.65 11.31
N ILE B 38 -15.48 -16.29 10.82
CA ILE B 38 -14.43 -15.73 11.67
C ILE B 38 -14.56 -14.20 11.68
N VAL B 39 -14.34 -13.61 12.86
CA VAL B 39 -14.24 -12.16 13.06
C VAL B 39 -12.99 -11.81 13.90
N THR B 40 -11.96 -11.22 13.27
CA THR B 40 -10.75 -10.79 13.98
C THR B 40 -10.92 -9.36 14.46
N GLY B 41 -10.06 -8.93 15.38
CA GLY B 41 -10.25 -7.66 16.04
C GLY B 41 -11.63 -7.54 16.67
N ALA B 42 -12.10 -8.62 17.28
CA ALA B 42 -13.49 -8.69 17.71
C ALA B 42 -13.70 -8.46 19.23
N SER B 43 -12.63 -8.03 19.92
CA SER B 43 -12.66 -7.71 21.35
C SER B 43 -13.27 -6.33 21.60
N LYS B 44 -12.98 -5.37 20.72
CA LYS B 44 -13.64 -4.08 20.83
C LYS B 44 -14.08 -3.46 19.48
N GLY B 45 -14.69 -2.27 19.57
CA GLY B 45 -15.05 -1.46 18.42
C GLY B 45 -15.93 -2.15 17.41
N ILE B 46 -15.64 -1.87 16.14
CA ILE B 46 -16.43 -2.32 15.02
C ILE B 46 -16.55 -3.85 14.97
N GLY B 47 -15.48 -4.55 15.30
CA GLY B 47 -15.51 -6.02 15.27
C GLY B 47 -16.38 -6.66 16.32
N ARG B 48 -16.34 -6.10 17.53
CA ARG B 48 -17.22 -6.53 18.61
C ARG B 48 -18.67 -6.45 18.08
N GLU B 49 -19.00 -5.29 17.51
CA GLU B 49 -20.34 -5.06 16.96
C GLU B 49 -20.70 -6.03 15.83
N MET B 50 -19.73 -6.40 15.00
CA MET B 50 -19.99 -7.39 13.95
C MET B 50 -20.27 -8.76 14.57
N ALA B 51 -19.57 -9.07 15.68
CA ALA B 51 -19.81 -10.30 16.39
C ALA B 51 -21.27 -10.34 16.84
N TYR B 52 -21.72 -9.26 17.47
CA TYR B 52 -23.09 -9.22 17.97
C TYR B 52 -24.17 -9.30 16.86
N HIS B 53 -24.08 -8.45 15.84
CA HIS B 53 -25.00 -8.53 14.71
C HIS B 53 -25.06 -9.96 14.15
N LEU B 54 -23.92 -10.62 14.04
CA LEU B 54 -23.89 -11.97 13.48
C LEU B 54 -24.56 -12.95 14.43
N ALA B 55 -24.42 -12.69 15.73
CA ALA B 55 -25.08 -13.48 16.76
C ALA B 55 -26.62 -13.36 16.68
N LYS B 56 -27.15 -12.15 16.56
CA LYS B 56 -28.61 -11.94 16.43
C LYS B 56 -29.17 -12.73 15.24
N MET B 57 -28.36 -12.92 14.19
CA MET B 57 -28.78 -13.64 12.98
C MET B 57 -28.60 -15.15 13.11
N GLY B 58 -28.08 -15.63 14.22
CA GLY B 58 -27.98 -17.06 14.45
C GLY B 58 -26.80 -17.74 13.77
N ALA B 59 -25.72 -16.99 13.55
CA ALA B 59 -24.49 -17.53 12.94
C ALA B 59 -23.66 -18.32 13.96
N HIS B 60 -22.82 -19.22 13.45
CA HIS B 60 -21.70 -19.76 14.22
C HIS B 60 -20.59 -18.72 14.08
N VAL B 61 -20.03 -18.25 15.18
CA VAL B 61 -18.93 -17.28 15.11
C VAL B 61 -17.75 -17.71 16.01
N VAL B 62 -16.54 -17.52 15.49
CA VAL B 62 -15.32 -17.60 16.28
C VAL B 62 -14.68 -16.20 16.21
N VAL B 63 -14.36 -15.64 17.37
CA VAL B 63 -13.77 -14.30 17.45
C VAL B 63 -12.31 -14.36 17.94
N THR B 64 -11.54 -13.30 17.67
CA THR B 64 -10.12 -13.27 18.07
C THR B 64 -9.59 -11.84 18.32
N ALA B 65 -8.50 -11.75 19.08
CA ALA B 65 -7.85 -10.52 19.51
C ALA B 65 -6.96 -10.91 20.70
N ARG B 66 -6.34 -9.94 21.36
CA ARG B 66 -5.41 -10.23 22.47
C ARG B 66 -6.08 -10.31 23.86
N SER B 67 -7.18 -9.58 24.06
CA SER B 67 -7.78 -9.36 25.38
C SER B 67 -8.70 -10.53 25.76
N LYS B 68 -8.14 -11.59 26.34
CA LYS B 68 -8.92 -12.83 26.62
C LYS B 68 -10.15 -12.64 27.53
N GLU B 69 -9.99 -11.90 28.62
CA GLU B 69 -11.12 -11.58 29.51
C GLU B 69 -12.24 -10.86 28.73
N THR B 70 -11.86 -9.83 27.97
CA THR B 70 -12.84 -9.10 27.19
C THR B 70 -13.50 -9.99 26.13
N LEU B 71 -12.73 -10.85 25.46
CA LEU B 71 -13.31 -11.69 24.40
C LEU B 71 -14.32 -12.68 25.00
N GLN B 72 -14.01 -13.20 26.18
CA GLN B 72 -14.96 -14.06 26.90
C GLN B 72 -16.34 -13.42 27.11
N LYS B 73 -16.36 -12.18 27.60
CA LYS B 73 -17.62 -11.47 27.80
C LYS B 73 -18.34 -11.26 26.48
N VAL B 74 -17.59 -10.93 25.43
CA VAL B 74 -18.16 -10.79 24.07
C VAL B 74 -18.88 -12.08 23.67
N VAL B 75 -18.17 -13.20 23.73
CA VAL B 75 -18.74 -14.51 23.41
C VAL B 75 -20.02 -14.81 24.23
N SER B 76 -19.98 -14.55 25.54
CA SER B 76 -21.19 -14.72 26.35
C SER B 76 -22.36 -13.95 25.76
N HIS B 77 -22.14 -12.69 25.40
CA HIS B 77 -23.24 -11.85 24.96
C HIS B 77 -23.75 -12.39 23.63
N CYS B 78 -22.85 -12.98 22.85
CA CYS B 78 -23.25 -13.61 21.59
C CYS B 78 -24.28 -14.75 21.79
N LEU B 79 -24.02 -15.66 22.72
CA LEU B 79 -24.97 -16.77 23.00
C LEU B 79 -26.32 -16.21 23.45
N GLU B 80 -26.26 -15.37 24.47
CA GLU B 80 -27.39 -14.53 24.89
C GLU B 80 -28.19 -13.92 23.75
N LEU B 81 -27.52 -13.36 22.75
CA LEU B 81 -28.18 -12.80 21.56
C LEU B 81 -28.65 -13.85 20.53
N GLY B 82 -28.25 -15.11 20.70
CA GLY B 82 -28.76 -16.21 19.90
C GLY B 82 -27.85 -16.86 18.87
N ALA B 83 -26.53 -16.73 19.03
CA ALA B 83 -25.58 -17.38 18.12
C ALA B 83 -25.75 -18.90 18.10
N ALA B 84 -25.68 -19.50 16.91
CA ALA B 84 -25.63 -20.96 16.77
C ALA B 84 -24.56 -21.52 17.69
N SER B 85 -23.37 -20.95 17.62
CA SER B 85 -22.32 -21.14 18.63
C SER B 85 -21.37 -19.97 18.62
N ALA B 86 -20.61 -19.84 19.70
CA ALA B 86 -19.68 -18.75 19.83
C ALA B 86 -18.49 -19.20 20.67
N HIS B 87 -17.28 -18.95 20.17
CA HIS B 87 -16.04 -19.25 20.91
C HIS B 87 -15.00 -18.19 20.63
N TYR B 88 -13.95 -18.12 21.46
CA TYR B 88 -12.83 -17.23 21.16
C TYR B 88 -11.52 -18.02 21.17
N ILE B 89 -10.49 -17.45 20.50
CA ILE B 89 -9.09 -17.93 20.55
C ILE B 89 -8.19 -16.67 20.65
N ALA B 90 -7.64 -16.39 21.82
CA ALA B 90 -6.87 -15.18 22.02
C ALA B 90 -5.46 -15.30 21.43
N GLY B 91 -4.94 -14.19 20.91
CA GLY B 91 -3.55 -14.13 20.49
C GLY B 91 -3.21 -12.86 19.75
N THR B 92 -1.95 -12.72 19.34
CA THR B 92 -1.47 -11.56 18.62
C THR B 92 -1.14 -11.85 17.16
N MET B 93 -1.52 -10.92 16.31
CA MET B 93 -1.38 -11.11 14.90
C MET B 93 -0.06 -10.51 14.43
N GLU B 94 0.82 -10.19 15.39
CA GLU B 94 2.23 -9.96 15.11
C GLU B 94 2.92 -11.30 14.80
N ASP B 95 2.29 -12.39 15.22
CA ASP B 95 2.86 -13.72 15.09
C ASP B 95 2.19 -14.49 13.95
N MET B 96 2.92 -14.69 12.87
CA MET B 96 2.36 -15.27 11.67
C MET B 96 1.94 -16.72 11.92
N THR B 97 2.69 -17.42 12.78
CA THR B 97 2.38 -18.82 13.05
C THR B 97 1.10 -18.93 13.91
N PHE B 98 0.89 -18.01 14.85
CA PHE B 98 -0.44 -17.92 15.50
C PHE B 98 -1.56 -17.69 14.49
N ALA B 99 -1.32 -16.82 13.54
CA ALA B 99 -2.34 -16.54 12.53
C ALA B 99 -2.77 -17.83 11.80
N GLU B 100 -1.78 -18.63 11.39
CA GLU B 100 -2.02 -19.88 10.66
C GLU B 100 -2.86 -20.84 11.52
N GLN B 101 -2.36 -21.08 12.72
CA GLN B 101 -2.96 -22.06 13.61
C GLN B 101 -4.39 -21.66 13.97
N PHE B 102 -4.64 -20.37 14.14
CA PHE B 102 -5.95 -19.87 14.50
C PHE B 102 -7.06 -20.26 13.50
N VAL B 103 -6.78 -20.13 12.20
CA VAL B 103 -7.77 -20.47 11.19
C VAL B 103 -8.00 -21.98 11.20
N ALA B 104 -6.94 -22.77 11.41
CA ALA B 104 -7.10 -24.23 11.41
C ALA B 104 -8.02 -24.65 12.56
N GLN B 105 -7.82 -24.03 13.71
CA GLN B 105 -8.62 -24.30 14.89
C GLN B 105 -10.05 -23.81 14.79
N ALA B 106 -10.22 -22.58 14.27
CA ALA B 106 -11.54 -22.00 14.05
C ALA B 106 -12.35 -22.87 13.08
N GLY B 107 -11.65 -23.46 12.12
CA GLY B 107 -12.22 -24.42 11.17
C GLY B 107 -12.70 -25.74 11.76
N LYS B 108 -11.86 -26.37 12.58
CA LYS B 108 -12.26 -27.58 13.27
C LYS B 108 -13.45 -27.33 14.18
N LEU B 109 -13.41 -26.28 14.99
CA LEU B 109 -14.53 -25.95 15.86
C LEU B 109 -15.84 -25.88 15.10
N MET B 110 -15.85 -25.27 13.92
CA MET B 110 -17.10 -25.04 13.18
C MET B 110 -17.38 -26.11 12.09
N GLY B 111 -16.39 -26.94 11.78
CA GLY B 111 -16.48 -27.88 10.65
C GLY B 111 -16.11 -27.30 9.30
N GLY B 112 -16.02 -25.97 9.22
CA GLY B 112 -15.77 -25.28 7.97
C GLY B 112 -15.76 -23.77 8.17
N LEU B 113 -15.59 -23.05 7.07
CA LEU B 113 -15.67 -21.61 7.07
C LEU B 113 -16.42 -21.10 5.83
N ASP B 114 -17.42 -20.26 6.06
CA ASP B 114 -18.18 -19.57 4.98
C ASP B 114 -17.76 -18.11 4.75
N MET B 115 -17.18 -17.47 5.75
CA MET B 115 -16.83 -16.06 5.66
C MET B 115 -15.74 -15.62 6.67
N LEU B 116 -14.74 -14.90 6.16
CA LEU B 116 -13.56 -14.47 6.91
C LEU B 116 -13.56 -12.94 6.99
N ILE B 117 -13.79 -12.39 8.19
CA ILE B 117 -13.82 -10.93 8.32
C ILE B 117 -12.54 -10.46 8.97
N LEU B 118 -11.66 -9.88 8.17
CA LEU B 118 -10.34 -9.43 8.59
C LEU B 118 -10.48 -7.95 8.92
N ASN B 119 -10.30 -7.59 10.20
CA ASN B 119 -10.70 -6.27 10.69
C ASN B 119 -9.72 -5.59 11.66
N HIS B 120 -8.83 -6.37 12.27
CA HIS B 120 -7.90 -5.89 13.29
C HIS B 120 -6.83 -4.96 12.78
N ILE B 121 -6.28 -4.14 13.67
CA ILE B 121 -5.12 -3.26 13.37
C ILE B 121 -4.24 -3.09 14.60
N THR B 122 -2.97 -2.78 14.40
CA THR B 122 -2.11 -2.42 15.50
C THR B 122 -2.45 -1.01 15.98
N ASN B 123 -2.13 -0.72 17.24
CA ASN B 123 -2.28 0.60 17.80
C ASN B 123 -1.62 1.67 16.97
N THR B 124 -2.35 2.75 16.70
CA THR B 124 -1.79 3.90 15.98
C THR B 124 -2.23 5.20 16.61
N SER B 125 -1.33 6.15 16.67
CA SER B 125 -1.77 7.51 17.01
C SER B 125 -1.47 8.40 15.83
N LEU B 126 -2.17 9.52 15.80
CA LEU B 126 -1.95 10.59 14.88
C LEU B 126 -0.69 11.32 15.28
N ASN B 127 0.40 11.08 14.57
CA ASN B 127 1.63 11.83 14.79
C ASN B 127 2.33 12.09 13.45
N LEU B 128 3.14 13.13 13.40
CA LEU B 128 4.02 13.36 12.30
C LEU B 128 5.03 12.23 12.28
N PHE B 129 5.34 11.68 11.09
CA PHE B 129 6.36 10.64 10.98
C PHE B 129 7.75 11.21 11.20
N HIS B 130 8.65 10.45 11.80
CA HIS B 130 10.06 10.90 11.91
C HIS B 130 11.14 9.84 11.54
N ASP B 131 11.25 8.84 12.41
CA ASP B 131 12.34 7.89 12.38
C ASP B 131 11.86 6.48 12.61
N ASP B 132 10.58 6.27 12.89
CA ASP B 132 10.19 5.03 13.57
C ASP B 132 9.90 3.91 12.57
N ILE B 133 10.98 3.39 12.01
CA ILE B 133 10.95 2.26 11.09
C ILE B 133 10.25 1.09 11.75
N HIS B 134 10.52 0.89 13.04
CA HIS B 134 9.88 -0.19 13.74
C HIS B 134 8.36 -0.09 13.66
N HIS B 135 7.82 1.11 13.82
CA HIS B 135 6.36 1.27 13.77
C HIS B 135 5.87 0.99 12.34
N VAL B 136 6.61 1.46 11.33
CA VAL B 136 6.21 1.16 9.94
C VAL B 136 6.17 -0.36 9.70
N ARG B 137 7.18 -1.08 10.19
CA ARG B 137 7.26 -2.54 10.04
C ARG B 137 6.11 -3.28 10.73
N LYS B 138 5.88 -2.89 11.98
CA LYS B 138 4.84 -3.49 12.80
C LYS B 138 3.46 -3.25 12.21
N SER B 139 3.23 -2.04 11.69
CA SER B 139 1.99 -1.75 10.98
C SER B 139 1.86 -2.65 9.77
N MET B 140 2.95 -2.87 9.06
CA MET B 140 2.86 -3.68 7.87
C MET B 140 2.56 -5.13 8.21
N GLU B 141 3.05 -5.61 9.35
CA GLU B 141 2.91 -7.03 9.69
C GLU B 141 1.53 -7.36 10.21
N VAL B 142 1.10 -6.58 11.19
CA VAL B 142 -0.22 -6.72 11.78
C VAL B 142 -1.35 -6.30 10.84
N ASN B 143 -1.24 -5.12 10.23
CA ASN B 143 -2.33 -4.61 9.45
C ASN B 143 -2.42 -5.22 8.04
N PHE B 144 -1.33 -5.78 7.53
CA PHE B 144 -1.31 -6.26 6.16
C PHE B 144 -0.83 -7.69 6.01
N LEU B 145 0.42 -7.96 6.36
CA LEU B 145 0.92 -9.34 6.23
C LEU B 145 0.06 -10.41 6.96
N SER B 146 -0.44 -10.12 8.16
CA SER B 146 -1.27 -11.13 8.86
C SER B 146 -2.54 -11.49 8.06
N TYR B 147 -3.09 -10.48 7.37
CA TYR B 147 -4.31 -10.66 6.57
C TYR B 147 -4.05 -11.62 5.43
N VAL B 148 -2.85 -11.52 4.86
CA VAL B 148 -2.46 -12.38 3.77
C VAL B 148 -2.24 -13.79 4.30
N VAL B 149 -1.57 -13.92 5.44
CA VAL B 149 -1.36 -15.24 6.05
C VAL B 149 -2.71 -15.87 6.40
N LEU B 150 -3.65 -15.07 6.92
CA LEU B 150 -4.99 -15.61 7.26
C LEU B 150 -5.80 -16.06 6.02
N THR B 151 -5.64 -15.37 4.90
CA THR B 151 -6.33 -15.75 3.67
C THR B 151 -5.85 -17.12 3.17
N VAL B 152 -4.53 -17.29 3.09
CA VAL B 152 -3.92 -18.53 2.63
C VAL B 152 -4.40 -19.72 3.50
N ALA B 153 -4.34 -19.56 4.82
CA ALA B 153 -4.79 -20.63 5.72
C ALA B 153 -6.27 -20.95 5.51
N ALA B 154 -7.10 -19.96 5.22
CA ALA B 154 -8.56 -20.12 5.13
C ALA B 154 -9.12 -20.46 3.73
N LEU B 155 -8.29 -20.33 2.70
CA LEU B 155 -8.73 -20.46 1.30
C LEU B 155 -9.32 -21.86 0.94
N PRO B 156 -8.67 -22.95 1.37
CA PRO B 156 -9.30 -24.26 1.12
C PRO B 156 -10.75 -24.35 1.64
N MET B 157 -10.99 -24.07 2.92
CA MET B 157 -12.39 -24.13 3.43
C MET B 157 -13.32 -23.23 2.63
N LEU B 158 -12.86 -22.02 2.35
CA LEU B 158 -13.64 -21.04 1.61
C LEU B 158 -13.92 -21.47 0.16
N LYS B 159 -12.92 -22.09 -0.48
CA LYS B 159 -13.10 -22.70 -1.80
C LYS B 159 -14.28 -23.68 -1.75
N GLN B 160 -14.30 -24.59 -0.77
CA GLN B 160 -15.34 -25.63 -0.80
C GLN B 160 -16.70 -25.19 -0.24
N SER B 161 -16.77 -23.98 0.32
CA SER B 161 -18.06 -23.34 0.70
C SER B 161 -18.52 -22.23 -0.27
N ASN B 162 -17.67 -21.88 -1.25
CA ASN B 162 -17.87 -20.72 -2.13
C ASN B 162 -18.07 -19.44 -1.32
N GLY B 163 -17.33 -19.30 -0.21
CA GLY B 163 -17.57 -18.21 0.73
C GLY B 163 -17.03 -16.83 0.34
N SER B 164 -16.78 -16.03 1.35
CA SER B 164 -16.52 -14.61 1.20
C SER B 164 -15.40 -14.14 2.14
N ILE B 165 -14.52 -13.27 1.63
CA ILE B 165 -13.50 -12.63 2.45
C ILE B 165 -13.83 -11.14 2.52
N VAL B 166 -13.89 -10.61 3.74
CA VAL B 166 -14.19 -9.19 3.96
C VAL B 166 -12.97 -8.52 4.60
N VAL B 167 -12.45 -7.47 3.96
CA VAL B 167 -11.22 -6.80 4.37
C VAL B 167 -11.63 -5.39 4.77
N VAL B 168 -11.42 -5.02 6.04
CA VAL B 168 -11.84 -3.69 6.48
C VAL B 168 -10.71 -2.68 6.32
N SER B 169 -11.01 -1.56 5.67
CA SER B 169 -10.07 -0.51 5.36
C SER B 169 -10.70 0.86 5.61
N SER B 170 -10.09 1.91 5.07
CA SER B 170 -10.42 3.26 5.46
C SER B 170 -10.31 4.22 4.28
N LEU B 171 -10.92 5.37 4.43
CA LEU B 171 -10.66 6.48 3.52
C LEU B 171 -9.15 6.69 3.35
N ALA B 172 -8.41 6.58 4.44
CA ALA B 172 -6.97 6.74 4.45
C ALA B 172 -6.27 5.57 3.75
N GLY B 173 -7.02 4.54 3.37
CA GLY B 173 -6.56 3.52 2.44
C GLY B 173 -6.90 3.81 0.98
N LYS B 174 -7.54 4.95 0.74
CA LYS B 174 -7.91 5.38 -0.64
C LYS B 174 -7.35 6.75 -1.00
N VAL B 175 -7.07 7.56 0.02
CA VAL B 175 -6.72 8.94 -0.14
C VAL B 175 -5.61 9.27 0.87
N ALA B 176 -4.86 10.34 0.63
CA ALA B 176 -3.68 10.62 1.47
C ALA B 176 -3.98 11.74 2.48
N TYR B 177 -3.74 11.46 3.75
CA TYR B 177 -3.94 12.38 4.90
C TYR B 177 -2.62 12.46 5.69
N PRO B 178 -2.34 13.60 6.29
CA PRO B 178 -1.17 13.61 7.16
C PRO B 178 -1.45 12.87 8.45
N LEU B 179 -0.37 12.55 9.14
CA LEU B 179 -0.40 12.04 10.51
C LEU B 179 -0.71 10.52 10.61
N VAL B 180 -0.78 9.82 9.50
CA VAL B 180 -1.04 8.39 9.51
C VAL B 180 -0.27 7.66 8.41
N ALA B 181 1.00 8.02 8.22
CA ALA B 181 1.83 7.46 7.12
C ALA B 181 1.91 5.95 7.19
N ALA B 182 2.40 5.38 8.28
CA ALA B 182 2.49 3.90 8.40
C ALA B 182 1.12 3.23 8.14
N TYR B 183 0.09 3.72 8.81
CA TYR B 183 -1.28 3.21 8.71
C TYR B 183 -1.81 3.20 7.25
N SER B 184 -1.62 4.31 6.56
CA SER B 184 -2.05 4.38 5.16
C SER B 184 -1.25 3.43 4.29
N ALA B 185 0.06 3.33 4.52
CA ALA B 185 0.84 2.33 3.77
C ALA B 185 0.17 0.99 3.86
N SER B 186 -0.21 0.58 5.07
CA SER B 186 -0.71 -0.77 5.28
C SER B 186 -2.07 -0.95 4.62
N LYS B 187 -2.95 0.06 4.74
CA LYS B 187 -4.28 -0.06 4.12
C LYS B 187 -4.24 -0.01 2.60
N PHE B 188 -3.42 0.87 2.03
CA PHE B 188 -3.23 0.94 0.58
C PHE B 188 -2.77 -0.43 0.14
N ALA B 189 -1.73 -0.95 0.79
CA ALA B 189 -1.25 -2.32 0.56
C ALA B 189 -2.40 -3.34 0.55
N LEU B 190 -3.34 -3.24 1.49
CA LEU B 190 -4.50 -4.17 1.47
C LEU B 190 -5.25 -4.12 0.13
N ASP B 191 -5.50 -2.91 -0.35
CA ASP B 191 -6.25 -2.69 -1.56
C ASP B 191 -5.48 -3.33 -2.75
N GLY B 192 -4.21 -2.99 -2.90
CA GLY B 192 -3.43 -3.52 -4.00
C GLY B 192 -3.35 -5.05 -4.03
N PHE B 193 -3.10 -5.68 -2.88
CA PHE B 193 -3.01 -7.13 -2.81
C PHE B 193 -4.35 -7.82 -3.13
N PHE B 194 -5.37 -7.42 -2.40
CA PHE B 194 -6.66 -8.08 -2.48
C PHE B 194 -7.44 -7.78 -3.76
N SER B 195 -7.28 -6.61 -4.34
CA SER B 195 -7.97 -6.32 -5.59
C SER B 195 -7.25 -7.03 -6.73
N SER B 196 -5.98 -7.31 -6.51
CA SER B 196 -5.20 -8.04 -7.49
C SER B 196 -5.58 -9.51 -7.49
N ILE B 197 -5.69 -10.12 -6.34
CA ILE B 197 -6.01 -11.53 -6.30
C ILE B 197 -7.48 -11.72 -6.66
N ARG B 198 -8.31 -10.71 -6.43
CA ARG B 198 -9.69 -10.78 -6.87
C ARG B 198 -9.70 -10.98 -8.38
N LYS B 199 -8.92 -10.18 -9.11
CA LYS B 199 -8.78 -10.41 -10.56
C LYS B 199 -8.31 -11.84 -10.82
N GLU B 200 -7.36 -12.34 -10.04
CA GLU B 200 -6.88 -13.71 -10.29
C GLU B 200 -8.01 -14.74 -10.13
N TYR B 201 -8.83 -14.61 -9.09
CA TYR B 201 -9.94 -15.57 -8.87
C TYR B 201 -10.97 -15.45 -9.99
N SER B 202 -11.11 -14.26 -10.54
CA SER B 202 -11.99 -14.12 -11.66
C SER B 202 -11.49 -14.91 -12.86
N VAL B 203 -10.20 -14.81 -13.21
CA VAL B 203 -9.68 -15.57 -14.37
C VAL B 203 -9.62 -17.07 -14.11
N SER B 204 -9.16 -17.48 -12.93
CA SER B 204 -9.00 -18.92 -12.66
C SER B 204 -10.26 -19.55 -12.04
N ARG B 205 -11.40 -18.85 -12.16
CA ARG B 205 -12.70 -19.33 -11.71
C ARG B 205 -12.70 -19.91 -10.30
N VAL B 206 -12.02 -19.22 -9.40
CA VAL B 206 -12.06 -19.50 -7.96
C VAL B 206 -13.28 -18.75 -7.40
N ASN B 207 -14.23 -19.47 -6.81
CA ASN B 207 -15.54 -18.93 -6.48
C ASN B 207 -15.64 -18.37 -5.04
N VAL B 208 -14.66 -17.54 -4.68
CA VAL B 208 -14.64 -16.83 -3.40
C VAL B 208 -14.65 -15.31 -3.62
N SER B 209 -15.54 -14.61 -2.92
CA SER B 209 -15.68 -13.18 -3.08
C SER B 209 -14.75 -12.42 -2.15
N ILE B 210 -14.36 -11.24 -2.60
CA ILE B 210 -13.56 -10.32 -1.86
C ILE B 210 -14.22 -8.92 -1.75
N THR B 211 -14.47 -8.48 -0.53
CA THR B 211 -15.11 -7.19 -0.24
C THR B 211 -14.16 -6.30 0.55
N LEU B 212 -13.82 -5.12 -0.02
CA LEU B 212 -12.94 -4.13 0.64
C LEU B 212 -13.87 -3.04 1.14
N CYS B 213 -13.76 -2.72 2.42
CA CYS B 213 -14.65 -1.76 3.04
C CYS B 213 -13.85 -0.52 3.27
N VAL B 214 -14.38 0.60 2.76
CA VAL B 214 -13.74 1.90 2.89
C VAL B 214 -14.53 2.77 3.87
N LEU B 215 -14.01 2.92 5.09
CA LEU B 215 -14.75 3.53 6.19
C LEU B 215 -14.32 4.95 6.47
N GLY B 216 -15.31 5.80 6.74
CA GLY B 216 -15.08 7.08 7.38
C GLY B 216 -14.88 6.92 8.87
N LEU B 217 -14.82 8.06 9.58
CA LEU B 217 -14.64 8.14 11.00
C LEU B 217 -15.85 7.49 11.69
N ILE B 218 -15.58 6.51 12.58
CA ILE B 218 -16.64 5.78 13.31
C ILE B 218 -16.56 6.08 14.80
N ASP B 219 -17.68 6.05 15.50
CA ASP B 219 -17.70 6.38 16.95
C ASP B 219 -17.17 5.28 17.90
N THR B 220 -16.11 4.58 17.48
CA THR B 220 -15.50 3.60 18.37
C THR B 220 -14.57 4.33 19.34
N GLU B 221 -14.34 3.70 20.48
CA GLU B 221 -13.69 4.36 21.59
C GLU B 221 -12.23 4.65 21.24
N THR B 222 -11.61 3.80 20.42
CA THR B 222 -10.28 4.08 19.94
C THR B 222 -10.30 5.40 19.17
N ALA B 223 -11.21 5.52 18.20
CA ALA B 223 -11.26 6.75 17.37
C ALA B 223 -11.51 8.00 18.21
N MET B 224 -12.50 7.91 19.11
CA MET B 224 -12.81 9.04 19.98
C MET B 224 -11.65 9.42 20.94
N LYS B 225 -10.87 8.44 21.41
CA LYS B 225 -9.66 8.75 22.19
C LYS B 225 -8.63 9.46 21.31
N ALA B 226 -8.50 9.06 20.06
CA ALA B 226 -7.35 9.43 19.23
C ALA B 226 -7.59 10.76 18.51
N VAL B 227 -8.84 11.01 18.18
CA VAL B 227 -9.24 12.18 17.42
C VAL B 227 -9.67 13.24 18.40
N SER B 228 -9.39 14.49 18.08
CA SER B 228 -9.78 15.60 18.96
C SER B 228 -11.30 15.76 19.07
N GLY B 229 -11.71 16.52 20.08
CA GLY B 229 -13.11 16.93 20.23
C GLY B 229 -13.74 17.55 18.99
N ILE B 230 -12.99 18.41 18.27
CA ILE B 230 -13.57 19.25 17.17
C ILE B 230 -14.11 18.43 15.97
N VAL B 231 -13.63 17.20 15.78
CA VAL B 231 -14.12 16.30 14.73
C VAL B 231 -15.15 15.21 15.21
N HIS B 232 -15.25 15.01 16.52
CA HIS B 232 -16.21 14.03 17.12
C HIS B 232 -17.65 14.06 16.59
N MET B 233 -18.12 15.29 16.31
CA MET B 233 -19.41 15.57 15.65
C MET B 233 -19.84 14.55 14.60
N GLN B 234 -18.93 14.29 13.65
CA GLN B 234 -19.28 13.63 12.41
C GLN B 234 -18.83 12.18 12.36
N ALA B 235 -18.72 11.52 13.52
CA ALA B 235 -18.33 10.12 13.52
C ALA B 235 -19.60 9.29 13.35
N ALA B 236 -19.58 8.36 12.41
CA ALA B 236 -20.72 7.49 12.11
C ALA B 236 -20.94 6.46 13.23
N PRO B 237 -22.19 5.95 13.36
CA PRO B 237 -22.45 4.94 14.36
C PRO B 237 -21.88 3.58 14.00
N LYS B 238 -21.19 2.99 14.96
CA LYS B 238 -20.52 1.72 14.82
C LYS B 238 -21.45 0.53 14.65
N GLU B 239 -22.68 0.65 15.12
CA GLU B 239 -23.64 -0.45 15.00
C GLU B 239 -24.08 -0.60 13.56
N GLU B 240 -24.44 0.54 12.95
CA GLU B 240 -24.85 0.57 11.56
C GLU B 240 -23.64 0.22 10.69
N CYS B 241 -22.47 0.75 11.04
CA CYS B 241 -21.22 0.43 10.34
C CYS B 241 -20.96 -1.07 10.31
N ALA B 242 -21.19 -1.75 11.43
CA ALA B 242 -20.96 -3.19 11.49
C ALA B 242 -21.94 -3.95 10.58
N LEU B 243 -23.21 -3.56 10.56
CA LEU B 243 -24.22 -4.27 9.74
C LEU B 243 -23.95 -4.05 8.25
N GLU B 244 -23.55 -2.84 7.86
CA GLU B 244 -23.16 -2.62 6.48
C GLU B 244 -22.00 -3.51 6.02
N ILE B 245 -20.98 -3.69 6.87
CA ILE B 245 -19.85 -4.57 6.48
C ILE B 245 -20.42 -5.96 6.15
N ILE B 246 -21.14 -6.55 7.12
CA ILE B 246 -21.76 -7.87 6.91
C ILE B 246 -22.59 -7.93 5.62
N LYS B 247 -23.42 -6.90 5.38
CA LYS B 247 -24.30 -6.87 4.21
C LYS B 247 -23.47 -6.93 2.94
N GLY B 248 -22.46 -6.07 2.83
CA GLY B 248 -21.62 -6.06 1.64
C GLY B 248 -21.06 -7.42 1.30
N GLY B 249 -20.46 -8.07 2.27
CA GLY B 249 -19.88 -9.40 2.04
C GLY B 249 -20.94 -10.47 1.80
N ALA B 250 -22.10 -10.37 2.46
CA ALA B 250 -23.18 -11.32 2.21
C ALA B 250 -23.57 -11.23 0.75
N LEU B 251 -23.65 -10.01 0.23
CA LEU B 251 -24.03 -9.75 -1.14
C LEU B 251 -22.86 -9.76 -2.12
N ARG B 252 -21.65 -10.10 -1.68
CA ARG B 252 -20.50 -10.28 -2.60
C ARG B 252 -20.09 -9.01 -3.39
N GLN B 253 -20.41 -7.87 -2.82
CA GLN B 253 -20.02 -6.58 -3.35
C GLN B 253 -18.50 -6.40 -3.25
N GLU B 254 -17.91 -5.79 -4.26
CA GLU B 254 -16.47 -5.67 -4.32
C GLU B 254 -15.98 -4.67 -3.33
N GLU B 255 -16.74 -3.60 -3.17
CA GLU B 255 -16.42 -2.58 -2.17
C GLU B 255 -17.67 -2.12 -1.43
N VAL B 256 -17.49 -1.62 -0.22
CA VAL B 256 -18.55 -1.08 0.61
C VAL B 256 -18.02 0.27 1.12
N TYR B 257 -18.80 1.32 0.97
CA TYR B 257 -18.40 2.63 1.43
C TYR B 257 -19.26 3.00 2.58
N TYR B 258 -18.70 3.57 3.63
CA TYR B 258 -19.53 3.98 4.76
C TYR B 258 -18.96 5.17 5.50
N ASP B 259 -19.74 6.24 5.57
CA ASP B 259 -19.30 7.54 6.07
C ASP B 259 -20.52 8.38 6.44
N SER B 260 -20.44 9.22 7.45
CA SER B 260 -21.63 9.91 7.85
C SER B 260 -22.04 11.00 6.87
N SER B 261 -21.11 11.45 6.02
CA SER B 261 -21.42 12.32 4.86
C SER B 261 -21.64 11.54 3.58
N ARG B 262 -22.84 11.68 3.01
CA ARG B 262 -23.08 11.17 1.65
C ARG B 262 -22.23 11.89 0.57
N TRP B 263 -21.74 13.10 0.85
CA TRP B 263 -20.85 13.78 -0.09
C TRP B 263 -19.49 13.05 -0.23
N THR B 264 -18.95 12.61 0.89
CA THR B 264 -17.69 11.87 0.85
C THR B 264 -17.84 10.57 0.07
N THR B 265 -19.02 9.96 0.15
CA THR B 265 -19.31 8.69 -0.51
C THR B 265 -19.35 8.88 -2.04
N LEU B 266 -20.06 9.90 -2.49
CA LEU B 266 -20.08 10.27 -3.90
C LEU B 266 -18.67 10.41 -4.49
N LEU B 267 -17.74 10.96 -3.72
CA LEU B 267 -16.39 11.26 -4.22
C LEU B 267 -15.41 10.10 -4.13
N ILE B 268 -15.79 9.01 -3.49
CA ILE B 268 -14.83 7.97 -3.21
C ILE B 268 -14.61 7.05 -4.42
N ARG B 269 -15.69 6.73 -5.11
CA ARG B 269 -15.62 5.97 -6.36
C ARG B 269 -14.62 6.53 -7.36
N ASN B 270 -13.96 5.63 -8.08
CA ASN B 270 -12.93 5.99 -9.03
C ASN B 270 -13.22 5.25 -10.32
N PRO B 271 -14.07 5.85 -11.17
CA PRO B 271 -14.43 5.17 -12.42
C PRO B 271 -13.22 4.99 -13.35
N SER B 272 -12.33 5.96 -13.41
CA SER B 272 -11.12 5.80 -14.20
C SER B 272 -10.40 4.49 -13.93
N ARG B 273 -10.20 4.14 -12.66
CA ARG B 273 -9.50 2.90 -12.36
C ARG B 273 -10.31 1.68 -12.85
N LYS B 274 -11.65 1.66 -12.71
CA LYS B 274 -12.43 0.52 -13.24
C LYS B 274 -12.15 0.31 -14.72
N ILE B 275 -12.19 1.41 -15.46
CA ILE B 275 -11.97 1.36 -16.89
C ILE B 275 -10.58 0.80 -17.19
N LEU B 276 -9.50 1.37 -16.65
CA LEU B 276 -8.14 0.87 -16.92
C LEU B 276 -8.05 -0.64 -16.65
N GLU B 277 -8.71 -1.09 -15.57
CA GLU B 277 -8.71 -2.50 -15.16
C GLU B 277 -9.38 -3.37 -16.21
N GLU B 278 -10.45 -2.88 -16.81
CA GLU B 278 -11.26 -3.68 -17.72
C GLU B 278 -10.74 -3.58 -19.16
N LEU B 279 -10.08 -2.47 -19.45
CA LEU B 279 -9.35 -2.25 -20.68
C LEU B 279 -8.28 -3.32 -20.86
N TYR B 280 -7.79 -3.85 -19.75
CA TYR B 280 -6.84 -4.95 -19.80
C TYR B 280 -7.58 -6.30 -19.80
N SER B 281 -8.34 -6.50 -18.74
CA SER B 281 -9.18 -7.68 -18.52
C SER B 281 -10.04 -8.14 -19.73
N THR B 282 -10.55 -7.23 -20.55
CA THR B 282 -11.45 -7.66 -21.64
C THR B 282 -10.70 -8.07 -22.93
N SER B 283 -9.37 -8.08 -22.86
CA SER B 283 -8.50 -8.56 -23.94
C SER B 283 -8.39 -10.09 -23.93
PA NAP C . 15.40 -3.81 -13.88
O1A NAP C . 15.08 -5.26 -13.74
O2A NAP C . 15.90 -3.45 -15.22
O5B NAP C . 16.36 -3.27 -12.69
C5B NAP C . 16.23 -3.66 -11.35
C4B NAP C . 17.39 -2.97 -10.65
O4B NAP C . 17.36 -3.07 -9.23
C3B NAP C . 18.70 -3.60 -11.10
O3B NAP C . 19.69 -2.60 -11.11
C2B NAP C . 19.03 -4.62 -10.02
O2B NAP C . 20.42 -4.86 -10.02
C1B NAP C . 18.47 -3.87 -8.81
N9A NAP C . 18.15 -4.81 -7.73
C8A NAP C . 17.52 -6.01 -7.80
N7A NAP C . 17.45 -6.54 -6.55
C5A NAP C . 18.05 -5.69 -5.70
C6A NAP C . 18.30 -5.74 -4.34
N6A NAP C . 17.91 -6.77 -3.62
N1A NAP C . 18.96 -4.70 -3.73
C2A NAP C . 19.39 -3.61 -4.45
N3A NAP C . 19.13 -3.57 -5.81
C4A NAP C . 18.49 -4.59 -6.42
O3 NAP C . 14.11 -2.93 -13.53
PN NAP C . 13.43 -1.85 -14.45
O1N NAP C . 12.70 -2.56 -15.50
O2N NAP C . 14.41 -0.81 -14.83
O5D NAP C . 12.45 -1.20 -13.36
C5D NAP C . 12.90 -0.19 -12.49
C4D NAP C . 11.74 0.43 -11.75
O4D NAP C . 10.71 0.83 -12.64
C3D NAP C . 11.11 -0.52 -10.74
O3D NAP C . 10.88 0.18 -9.52
C2D NAP C . 9.81 -0.95 -11.37
O2D NAP C . 8.82 -1.29 -10.42
C1D NAP C . 9.47 0.29 -12.19
N1N NAP C . 8.58 -0.09 -13.29
C2N NAP C . 9.07 -0.76 -14.35
C3N NAP C . 8.19 -1.12 -15.36
C7N NAP C . 8.68 -1.81 -16.57
O7N NAP C . 7.73 -2.12 -17.52
N7N NAP C . 9.98 -2.12 -16.71
C4N NAP C . 6.83 -0.81 -15.28
C5N NAP C . 6.36 -0.12 -14.18
C6N NAP C . 7.26 0.22 -13.19
P2B NAP C . 21.10 -6.10 -9.26
O1X NAP C . 21.02 -5.92 -7.76
O2X NAP C . 20.43 -7.42 -9.45
O3X NAP C . 22.57 -6.16 -9.68
O1 HD1 D . 4.59 -2.75 -13.51
C14 HD1 D . 4.25 -3.48 -14.44
N4 HD1 D . 5.01 -4.50 -14.87
C15 HD1 D . 6.30 -4.82 -14.25
C20 HD1 D . 6.21 -5.83 -13.11
C19 HD1 D . 5.84 -7.24 -13.62
C21 HD1 D . 7.61 -5.89 -12.49
C22 HD1 D . 8.63 -6.35 -13.56
C23 HD1 D . 8.25 -7.74 -14.05
C18 HD1 D . 6.85 -7.71 -14.68
C17 HD1 D . 6.84 -6.71 -15.83
O2 HD1 D . 9.94 -6.37 -13.00
C24 HD1 D . 8.63 -5.38 -14.73
C16 HD1 D . 7.26 -5.31 -15.32
C5 HD1 D . 2.94 -3.24 -15.19
C6 HD1 D . 2.83 -2.08 -15.96
C7 HD1 D . 1.71 -1.91 -16.78
C8 HD1 D . 0.73 -2.92 -16.87
N2 HD1 D . -0.40 -2.76 -17.69
C12 HD1 D . -0.86 -4.06 -18.18
C11 HD1 D . -2.22 -3.89 -18.88
N3 HD1 D . -2.15 -2.83 -19.93
C13 HD1 D . -3.54 -2.48 -20.36
C10 HD1 D . -1.47 -1.60 -19.43
C9 HD1 D . -0.08 -1.94 -18.86
N1 HD1 D . 0.86 -4.04 -16.14
C4 HD1 D . 1.94 -4.24 -15.37
S1 HD1 D . 2.07 -5.75 -14.48
C3 HD1 D . 1.51 -6.91 -15.70
C2 HD1 D . 0.06 -7.30 -15.45
C1 HD1 D . -0.43 -8.38 -16.40
CL CL E . 17.44 -2.88 -20.14
PA NAP F . -10.55 -0.82 17.75
O1A NAP F . -9.31 -0.27 18.35
O2A NAP F . -11.80 -0.46 18.47
O5B NAP F . -10.42 -2.40 17.68
C5B NAP F . -9.25 -2.91 17.10
C4B NAP F . -9.32 -4.40 17.31
O4B NAP F . -8.12 -4.92 16.83
C3B NAP F . -9.41 -4.76 18.81
O3B NAP F . -10.26 -5.87 19.00
C2B NAP F . -7.99 -5.15 19.18
O2B NAP F . -8.05 -6.10 20.21
C1B NAP F . -7.48 -5.71 17.85
N9A NAP F . -6.01 -5.72 17.90
C8A NAP F . -5.14 -4.72 18.22
N7A NAP F . -3.88 -5.20 18.19
C5A NAP F . -3.91 -6.52 17.86
C6A NAP F . -2.95 -7.53 17.70
N6A NAP F . -1.65 -7.34 17.85
N1A NAP F . -3.35 -8.79 17.37
C2A NAP F . -4.68 -9.10 17.19
N3A NAP F . -5.64 -8.10 17.33
C4A NAP F . -5.26 -6.84 17.67
O3 NAP F . -10.68 -0.41 16.20
PN NAP F . -11.94 0.11 15.37
O1N NAP F . -12.12 1.55 15.56
O2N NAP F . -13.13 -0.68 15.68
O5D NAP F . -11.43 -0.25 13.90
C5D NAP F . -11.40 -1.57 13.45
C4D NAP F . -11.24 -1.51 11.94
O4D NAP F . -11.99 -0.41 11.45
C3D NAP F . -9.78 -1.31 11.54
O3D NAP F . -9.44 -2.10 10.44
C2D NAP F . -9.74 0.14 11.14
O2D NAP F . -8.72 0.43 10.22
C1D NAP F . -11.15 0.34 10.61
N1N NAP F . -11.46 1.77 10.58
C2N NAP F . -11.87 2.43 11.69
C3N NAP F . -12.13 3.80 11.63
C7N NAP F . -12.64 4.54 12.83
O7N NAP F . -12.83 5.94 12.78
N7N NAP F . -12.90 3.85 13.94
C4N NAP F . -11.95 4.49 10.43
C5N NAP F . -11.50 3.78 9.31
C6N NAP F . -11.25 2.42 9.40
P2B NAP F . -6.96 -6.34 21.38
O1X NAP F . -6.35 -5.06 21.96
O2X NAP F . -7.65 -7.14 22.46
O3X NAP F . -5.88 -7.21 20.79
O1 HD1 G . -8.79 5.80 9.24
C14 HD1 G . -9.02 6.85 9.83
N4 HD1 G . -8.88 6.99 11.17
C15 HD1 G . -8.44 5.90 12.04
C20 HD1 G . -6.93 5.94 12.27
C19 HD1 G . -6.54 7.22 13.01
C21 HD1 G . -6.54 4.72 13.14
C22 HD1 G . -7.28 4.81 14.48
C23 HD1 G . -6.88 6.09 15.20
C18 HD1 G . -7.27 7.31 14.36
C17 HD1 G . -8.77 7.29 14.11
O2 HD1 G . -6.93 3.69 15.29
C24 HD1 G . -8.78 4.80 14.25
C16 HD1 G . -9.17 6.00 13.39
C5 HD1 G . -9.49 8.09 9.05
C6 HD1 G . -10.79 8.13 8.59
C7 HD1 G . -11.27 9.28 7.96
C8 HD1 G . -10.44 10.40 7.80
N2 HD1 G . -10.91 11.56 7.19
C12 HD1 G . -10.89 12.68 8.16
C11 HD1 G . -11.46 13.96 7.52
N3 HD1 G . -12.87 13.74 7.08
C13 HD1 G . -13.39 14.98 6.45
C10 HD1 G . -12.93 12.62 6.12
C9 HD1 G . -12.30 11.36 6.73
N1 HD1 G . -9.17 10.36 8.29
C4 HD1 G . -8.68 9.26 8.90
S1 HD1 G . -7.03 9.26 9.50
C3 HD1 G . -6.95 10.85 10.30
C2 HD1 G . -6.56 11.96 9.33
C1 HD1 G . -6.16 13.21 10.07
#